data_1T5P
#
_entry.id   1T5P
#
_cell.length_a   52.914
_cell.length_b   64.425
_cell.length_c   60.467
_cell.angle_alpha   90.00
_cell.angle_beta   90.02
_cell.angle_gamma   90.00
#
_symmetry.space_group_name_H-M   'P 1 21 1'
#
loop_
_entity.id
_entity.type
_entity.pdbx_description
1 polymer 'Heme oxygenase 1'
2 non-polymer 12-PHENYLHEME
3 water water
#
_entity_poly.entity_id   1
_entity_poly.type   'polypeptide(L)'
_entity_poly.pdbx_seq_one_letter_code
;MERPQPDSMPQDLSEALKEATKEVHTQAENAEFMRNFQKGQVTRDGFKLVMASLYHIYVALEEEIERNKESPVFAPVYFP
EELHRKAALEQDLAFWYGPRWQEVIPYTPAMQRYVKRLHEVGRTEPELLVAHAYTRYLGDLSGGQVLKKIAQKALDLPSS
GEGLAFFTFPNIASATKFKQLYRSRMNSLEMTPAVRQRVIEEAKTAFLLNIQLFEELQELLTHDTKDQSPSRA
;
_entity_poly.pdbx_strand_id   A,B
#
# COMPACT_ATOMS: atom_id res chain seq x y z
N PRO A 10 9.79 17.20 -14.48
CA PRO A 10 10.16 15.89 -13.92
C PRO A 10 9.23 14.77 -14.38
N GLN A 11 9.71 13.53 -14.23
CA GLN A 11 8.94 12.34 -14.65
C GLN A 11 7.76 12.08 -13.74
N ASP A 12 8.09 11.77 -12.49
CA ASP A 12 7.12 11.43 -11.49
C ASP A 12 6.12 12.53 -11.12
N LEU A 13 4.87 12.13 -10.90
CA LEU A 13 3.83 13.07 -10.48
C LEU A 13 4.39 13.57 -9.15
N SER A 14 5.10 12.68 -8.48
CA SER A 14 5.74 12.96 -7.20
C SER A 14 6.71 14.12 -7.31
N GLU A 15 7.60 14.05 -8.30
CA GLU A 15 8.59 15.09 -8.53
C GLU A 15 7.92 16.41 -8.95
N ALA A 16 6.86 16.31 -9.74
CA ALA A 16 6.13 17.48 -10.19
C ALA A 16 5.47 18.20 -9.01
N LEU A 17 4.95 17.42 -8.07
CA LEU A 17 4.29 17.97 -6.89
C LEU A 17 5.30 18.69 -6.00
N LYS A 18 6.45 18.06 -5.78
CA LYS A 18 7.50 18.64 -4.96
C LYS A 18 7.93 20.01 -5.49
N GLU A 19 8.21 20.07 -6.79
CA GLU A 19 8.64 21.31 -7.43
C GLU A 19 7.59 22.40 -7.26
N ALA A 20 6.36 22.11 -7.65
CA ALA A 20 5.27 23.07 -7.53
C ALA A 20 5.12 23.58 -6.09
N THR A 21 5.29 22.69 -5.11
CA THR A 21 5.16 23.08 -3.71
C THR A 21 6.46 23.61 -3.12
N LYS A 22 7.28 24.23 -3.95
CA LYS A 22 8.54 24.80 -3.49
C LYS A 22 8.35 26.30 -3.59
N GLU A 23 8.05 26.77 -4.79
CA GLU A 23 7.83 28.18 -5.05
C GLU A 23 6.64 28.70 -4.24
N VAL A 24 5.99 27.78 -3.53
CA VAL A 24 4.83 28.11 -2.71
C VAL A 24 5.06 27.70 -1.26
N HIS A 25 6.19 27.05 -1.00
CA HIS A 25 6.53 26.58 0.34
C HIS A 25 7.41 27.56 1.09
N THR A 26 7.36 28.84 0.72
CA THR A 26 8.17 29.85 1.39
C THR A 26 7.28 30.94 1.93
N GLN A 27 6.15 31.14 1.27
CA GLN A 27 5.19 32.17 1.64
C GLN A 27 4.60 31.99 3.04
N ALA A 28 4.14 33.11 3.58
CA ALA A 28 3.50 33.17 4.89
C ALA A 28 4.39 32.96 6.11
N GLU A 29 5.46 33.75 6.22
CA GLU A 29 6.33 33.64 7.38
C GLU A 29 5.85 34.74 8.33
N ASN A 30 4.55 35.02 8.27
CA ASN A 30 3.90 36.05 9.06
C ASN A 30 3.67 35.70 10.54
N ALA A 31 3.71 34.42 10.85
CA ALA A 31 3.50 33.98 12.22
C ALA A 31 4.59 33.01 12.65
N THR A 43 3.11 30.59 21.59
CA THR A 43 2.11 30.71 22.66
C THR A 43 1.22 29.47 22.69
N ARG A 44 0.52 29.28 23.80
CA ARG A 44 -0.37 28.13 23.97
C ARG A 44 -1.64 28.28 23.14
N ASP A 45 -2.40 29.33 23.44
CA ASP A 45 -3.63 29.62 22.72
C ASP A 45 -3.50 29.48 21.22
N GLY A 46 -2.27 29.63 20.73
CA GLY A 46 -2.02 29.53 19.31
C GLY A 46 -1.86 28.07 18.90
N PHE A 47 -1.15 27.31 19.71
CA PHE A 47 -0.93 25.89 19.43
C PHE A 47 -2.29 25.18 19.47
N LYS A 48 -3.14 25.60 20.41
CA LYS A 48 -4.48 25.02 20.57
C LYS A 48 -5.34 25.35 19.35
N LEU A 49 -5.02 26.45 18.67
CA LEU A 49 -5.76 26.85 17.47
C LEU A 49 -5.36 25.98 16.30
N VAL A 50 -4.06 25.69 16.21
CA VAL A 50 -3.54 24.89 15.12
C VAL A 50 -3.90 23.42 15.32
N MET A 51 -4.09 23.02 16.56
CA MET A 51 -4.46 21.64 16.84
C MET A 51 -5.95 21.44 16.50
N ALA A 52 -6.79 22.40 16.89
CA ALA A 52 -8.20 22.30 16.60
C ALA A 52 -8.41 22.34 15.10
N SER A 53 -7.67 23.24 14.45
CA SER A 53 -7.72 23.40 13.00
C SER A 53 -7.45 22.08 12.30
N LEU A 54 -6.32 21.46 12.64
CA LEU A 54 -5.90 20.20 12.05
C LEU A 54 -6.90 19.08 12.26
N TYR A 55 -7.62 19.12 13.38
CA TYR A 55 -8.63 18.11 13.68
C TYR A 55 -9.78 18.16 12.66
N HIS A 56 -10.37 19.34 12.51
CA HIS A 56 -11.48 19.52 11.57
C HIS A 56 -11.05 19.15 10.17
N ILE A 57 -9.80 19.48 9.82
CA ILE A 57 -9.28 19.18 8.49
C ILE A 57 -9.12 17.67 8.26
N TYR A 58 -8.54 16.98 9.23
CA TYR A 58 -8.32 15.56 9.12
C TYR A 58 -9.61 14.74 9.19
N VAL A 59 -10.63 15.25 9.89
CA VAL A 59 -11.89 14.52 9.98
C VAL A 59 -12.51 14.45 8.58
N ALA A 60 -12.52 15.58 7.88
CA ALA A 60 -13.08 15.69 6.54
C ALA A 60 -12.22 14.95 5.52
N LEU A 61 -10.91 15.12 5.60
CA LEU A 61 -10.01 14.43 4.68
C LEU A 61 -10.17 12.91 4.82
N GLU A 62 -10.10 12.42 6.04
CA GLU A 62 -10.21 11.01 6.29
C GLU A 62 -11.58 10.45 5.95
N GLU A 63 -12.61 11.27 6.07
CA GLU A 63 -13.94 10.84 5.71
C GLU A 63 -14.03 10.66 4.20
N GLU A 64 -13.49 11.63 3.45
CA GLU A 64 -13.52 11.57 1.99
C GLU A 64 -12.65 10.44 1.45
N ILE A 65 -11.55 10.17 2.13
CA ILE A 65 -10.64 9.10 1.74
C ILE A 65 -11.34 7.72 1.85
N GLU A 66 -12.10 7.53 2.91
CA GLU A 66 -12.81 6.28 3.13
C GLU A 66 -13.83 6.05 2.01
N ARG A 67 -14.52 7.12 1.63
CA ARG A 67 -15.52 7.08 0.59
C ARG A 67 -14.91 6.71 -0.76
N ASN A 68 -13.66 7.09 -0.98
CA ASN A 68 -12.99 6.79 -2.26
C ASN A 68 -11.84 5.80 -2.13
N LYS A 69 -11.79 5.03 -1.05
CA LYS A 69 -10.68 4.11 -0.87
C LYS A 69 -10.56 2.97 -1.87
N GLU A 70 -11.64 2.62 -2.56
CA GLU A 70 -11.55 1.52 -3.51
C GLU A 70 -11.52 1.93 -4.98
N SER A 71 -11.62 3.23 -5.25
CA SER A 71 -11.59 3.70 -6.61
C SER A 71 -10.15 3.71 -7.12
N PRO A 72 -9.97 3.44 -8.42
CA PRO A 72 -8.62 3.43 -8.98
C PRO A 72 -7.88 4.77 -8.92
N VAL A 73 -8.61 5.89 -8.78
CA VAL A 73 -7.91 7.17 -8.73
C VAL A 73 -7.30 7.48 -7.37
N PHE A 74 -7.57 6.65 -6.37
CA PHE A 74 -7.04 6.86 -5.04
C PHE A 74 -6.52 5.61 -4.31
N ALA A 75 -7.08 4.44 -4.64
CA ALA A 75 -6.69 3.18 -4.00
C ALA A 75 -5.19 3.02 -3.77
N PRO A 76 -4.36 3.35 -4.76
CA PRO A 76 -2.90 3.23 -4.60
C PRO A 76 -2.28 3.98 -3.43
N VAL A 77 -2.84 5.12 -3.02
CA VAL A 77 -2.29 5.85 -1.87
C VAL A 77 -3.17 5.72 -0.61
N TYR A 78 -3.98 4.67 -0.56
CA TYR A 78 -4.81 4.40 0.61
C TYR A 78 -3.95 3.62 1.62
N PHE A 79 -3.56 4.28 2.70
CA PHE A 79 -2.73 3.68 3.76
C PHE A 79 -3.40 4.03 5.09
N PRO A 80 -4.59 3.45 5.35
CA PRO A 80 -5.34 3.71 6.57
C PRO A 80 -4.61 3.59 7.91
N GLU A 81 -3.91 2.49 8.14
CA GLU A 81 -3.21 2.32 9.42
C GLU A 81 -1.97 3.21 9.59
N GLU A 82 -1.18 3.32 8.54
CA GLU A 82 0.05 4.09 8.60
C GLU A 82 -0.16 5.58 8.82
N LEU A 83 -1.22 6.10 8.23
CA LEU A 83 -1.44 7.53 8.30
C LEU A 83 -2.63 8.13 9.05
N HIS A 84 -3.66 7.35 9.39
CA HIS A 84 -4.77 8.00 10.05
C HIS A 84 -4.29 8.87 11.21
N ARG A 85 -4.92 10.03 11.36
CA ARG A 85 -4.52 10.98 12.38
C ARG A 85 -5.67 11.49 13.27
N LYS A 86 -6.91 11.15 12.94
CA LYS A 86 -8.03 11.63 13.73
C LYS A 86 -7.95 11.26 15.22
N ALA A 87 -7.70 9.99 15.51
CA ALA A 87 -7.60 9.49 16.88
C ALA A 87 -6.50 10.17 17.74
N ALA A 88 -5.36 10.47 17.13
CA ALA A 88 -4.26 11.10 17.85
C ALA A 88 -4.63 12.56 18.19
N LEU A 89 -5.26 13.25 17.24
CA LEU A 89 -5.68 14.63 17.43
C LEU A 89 -6.77 14.64 18.47
N GLU A 90 -7.45 13.52 18.62
CA GLU A 90 -8.51 13.44 19.60
C GLU A 90 -7.87 13.31 20.98
N GLN A 91 -6.85 12.48 21.11
CA GLN A 91 -6.13 12.33 22.39
C GLN A 91 -5.59 13.72 22.75
N ASP A 92 -4.84 14.33 21.83
CA ASP A 92 -4.27 15.65 22.06
C ASP A 92 -5.28 16.75 22.38
N LEU A 93 -6.38 16.79 21.63
CA LEU A 93 -7.38 17.82 21.85
C LEU A 93 -8.10 17.66 23.20
N ALA A 94 -7.98 16.47 23.80
CA ALA A 94 -8.59 16.21 25.09
C ALA A 94 -7.69 16.81 26.17
N PHE A 95 -6.39 16.82 25.90
CA PHE A 95 -5.41 17.38 26.81
C PHE A 95 -5.38 18.91 26.76
N TRP A 96 -5.49 19.47 25.57
CA TRP A 96 -5.45 20.92 25.42
C TRP A 96 -6.73 21.67 25.76
N TYR A 97 -7.87 21.11 25.39
CA TYR A 97 -9.16 21.77 25.65
C TYR A 97 -9.95 21.12 26.77
N GLY A 98 -9.43 20.05 27.35
CA GLY A 98 -10.15 19.41 28.43
C GLY A 98 -11.14 18.36 27.98
N PRO A 99 -11.77 17.67 28.95
CA PRO A 99 -12.76 16.62 28.67
C PRO A 99 -13.91 16.99 27.75
N ARG A 100 -14.32 18.26 27.75
CA ARG A 100 -15.42 18.65 26.88
C ARG A 100 -14.94 19.47 25.69
N TRP A 101 -13.76 19.11 25.20
CA TRP A 101 -13.14 19.78 24.06
C TRP A 101 -14.07 19.87 22.85
N GLN A 102 -14.75 18.77 22.54
CA GLN A 102 -15.67 18.73 21.41
C GLN A 102 -16.68 19.87 21.38
N GLU A 103 -17.05 20.38 22.56
CA GLU A 103 -18.01 21.48 22.64
C GLU A 103 -17.33 22.83 22.60
N VAL A 104 -16.15 22.93 23.21
CA VAL A 104 -15.42 24.18 23.29
C VAL A 104 -14.49 24.54 22.13
N ILE A 105 -13.83 23.56 21.52
CA ILE A 105 -12.93 23.91 20.42
C ILE A 105 -13.63 24.81 19.40
N PRO A 106 -12.88 25.72 18.78
CA PRO A 106 -13.46 26.64 17.78
C PRO A 106 -13.55 26.01 16.38
N TYR A 107 -14.29 26.67 15.51
CA TYR A 107 -14.45 26.23 14.13
C TYR A 107 -14.71 27.53 13.41
N THR A 108 -13.67 28.00 12.72
CA THR A 108 -13.72 29.28 12.05
C THR A 108 -13.99 29.24 10.55
N PRO A 109 -14.27 30.40 9.94
CA PRO A 109 -14.54 30.47 8.49
C PRO A 109 -13.42 29.85 7.64
N ALA A 110 -12.16 30.11 7.99
CA ALA A 110 -11.03 29.56 7.25
C ALA A 110 -10.94 28.04 7.40
N MET A 111 -11.30 27.53 8.58
CA MET A 111 -11.28 26.09 8.80
C MET A 111 -12.42 25.52 7.94
N GLN A 112 -13.57 26.18 8.01
CA GLN A 112 -14.74 25.75 7.24
C GLN A 112 -14.45 25.64 5.75
N ARG A 113 -13.71 26.61 5.21
CA ARG A 113 -13.41 26.59 3.78
C ARG A 113 -12.56 25.40 3.35
N TYR A 114 -11.50 25.14 4.10
CA TYR A 114 -10.61 24.02 3.82
C TYR A 114 -11.44 22.73 3.81
N VAL A 115 -12.34 22.61 4.79
CA VAL A 115 -13.20 21.45 4.95
C VAL A 115 -14.15 21.28 3.78
N LYS A 116 -14.73 22.37 3.32
CA LYS A 116 -15.66 22.32 2.18
C LYS A 116 -14.92 21.90 0.91
N ARG A 117 -13.77 22.51 0.67
CA ARG A 117 -12.99 22.15 -0.52
C ARG A 117 -12.73 20.64 -0.46
N LEU A 118 -12.31 20.18 0.71
CA LEU A 118 -12.03 18.77 0.92
C LEU A 118 -13.26 17.95 0.51
N HIS A 119 -14.45 18.38 0.91
CA HIS A 119 -15.65 17.66 0.58
C HIS A 119 -16.01 17.74 -0.90
N GLU A 120 -15.80 18.91 -1.51
CA GLU A 120 -16.09 19.10 -2.93
C GLU A 120 -15.25 18.14 -3.74
N VAL A 121 -13.95 18.12 -3.47
CA VAL A 121 -13.02 17.23 -4.17
C VAL A 121 -13.38 15.76 -3.99
N GLY A 122 -13.65 15.36 -2.75
CA GLY A 122 -13.99 13.98 -2.48
C GLY A 122 -15.29 13.53 -3.14
N ARG A 123 -16.21 14.48 -3.26
CA ARG A 123 -17.52 14.24 -3.86
C ARG A 123 -17.53 14.38 -5.39
N THR A 124 -17.05 15.52 -5.87
CA THR A 124 -17.06 15.85 -7.29
C THR A 124 -15.86 15.49 -8.15
N GLU A 125 -14.64 15.66 -7.65
CA GLU A 125 -13.47 15.33 -8.45
C GLU A 125 -12.38 14.61 -7.66
N PRO A 126 -12.69 13.39 -7.20
CA PRO A 126 -11.82 12.50 -6.40
C PRO A 126 -10.41 12.24 -6.92
N GLU A 127 -10.19 12.45 -8.22
CA GLU A 127 -8.87 12.25 -8.82
C GLU A 127 -7.88 13.25 -8.24
N LEU A 128 -8.41 14.31 -7.64
CA LEU A 128 -7.58 15.36 -7.06
C LEU A 128 -7.39 15.10 -5.56
N LEU A 129 -8.10 14.10 -5.03
CA LEU A 129 -8.00 13.82 -3.61
C LEU A 129 -6.55 13.53 -3.23
N VAL A 130 -5.82 12.89 -4.14
CA VAL A 130 -4.42 12.57 -3.92
C VAL A 130 -3.62 13.87 -3.60
N ALA A 131 -4.01 14.99 -4.22
CA ALA A 131 -3.34 16.28 -4.02
C ALA A 131 -3.40 16.70 -2.56
N HIS A 132 -4.58 16.64 -1.97
CA HIS A 132 -4.75 17.00 -0.57
C HIS A 132 -4.18 15.97 0.41
N ALA A 133 -4.19 14.70 0.03
CA ALA A 133 -3.64 13.63 0.88
C ALA A 133 -2.12 13.82 1.00
N TYR A 134 -1.51 14.21 -0.11
CA TYR A 134 -0.09 14.44 -0.20
C TYR A 134 0.36 15.65 0.66
N THR A 135 -0.30 16.78 0.40
CA THR A 135 -0.02 18.03 1.11
C THR A 135 -0.09 17.84 2.61
N ARG A 136 -1.19 17.22 3.03
CA ARG A 136 -1.44 16.96 4.43
C ARG A 136 -0.47 15.93 5.04
N TYR A 137 -0.60 14.67 4.61
CA TYR A 137 0.24 13.59 5.12
C TYR A 137 1.76 13.75 4.96
N LEU A 138 2.25 13.85 3.73
CA LEU A 138 3.69 13.99 3.55
C LEU A 138 4.21 15.28 4.14
N GLY A 139 3.39 16.33 4.10
CA GLY A 139 3.81 17.59 4.69
C GLY A 139 4.01 17.43 6.20
N ASP A 140 2.99 16.91 6.87
CA ASP A 140 2.98 16.70 8.32
C ASP A 140 4.00 15.66 8.81
N LEU A 141 4.26 14.67 7.95
CA LEU A 141 5.18 13.61 8.30
C LEU A 141 6.63 14.09 8.39
N SER A 142 7.15 14.69 7.34
CA SER A 142 8.52 15.17 7.32
C SER A 142 8.74 16.51 8.03
N GLY A 143 7.68 17.30 8.19
CA GLY A 143 7.82 18.58 8.84
C GLY A 143 7.64 18.51 10.35
N GLY A 144 6.91 17.48 10.79
CA GLY A 144 6.65 17.29 12.21
C GLY A 144 7.79 17.55 13.16
N GLN A 145 8.78 16.65 13.16
CA GLN A 145 9.96 16.72 14.02
C GLN A 145 10.39 18.16 14.25
N VAL A 146 10.35 18.94 13.19
CA VAL A 146 10.71 20.34 13.24
C VAL A 146 9.61 21.06 14.05
N LEU A 147 8.44 21.16 13.44
CA LEU A 147 7.29 21.82 14.04
C LEU A 147 7.00 21.37 15.47
N LYS A 148 7.60 20.25 15.89
CA LYS A 148 7.37 19.73 17.23
C LYS A 148 8.40 20.25 18.23
N LYS A 149 9.54 19.57 18.30
CA LYS A 149 10.63 19.94 19.22
C LYS A 149 10.73 21.44 19.38
N ILE A 150 10.54 22.14 18.27
CA ILE A 150 10.62 23.59 18.25
C ILE A 150 9.59 24.25 19.14
N ALA A 151 8.36 24.39 18.64
CA ALA A 151 7.29 25.03 19.39
C ALA A 151 7.04 24.46 20.78
N GLN A 152 7.31 23.17 20.98
CA GLN A 152 7.08 22.55 22.28
C GLN A 152 7.86 23.19 23.43
N LYS A 153 9.14 23.47 23.19
CA LYS A 153 9.97 24.08 24.22
C LYS A 153 9.35 25.42 24.60
N ALA A 154 9.03 26.23 23.60
CA ALA A 154 8.42 27.54 23.81
C ALA A 154 7.03 27.35 24.38
N LEU A 155 6.70 26.11 24.69
CA LEU A 155 5.38 25.76 25.22
C LEU A 155 5.46 25.34 26.69
N ASP A 156 6.48 24.54 27.02
CA ASP A 156 6.66 24.09 28.41
C ASP A 156 5.45 23.28 28.88
N LEU A 157 5.57 21.95 28.90
CA LEU A 157 4.48 21.08 29.33
C LEU A 157 4.89 20.20 30.52
N PRO A 158 3.91 19.63 31.24
CA PRO A 158 4.17 18.77 32.40
C PRO A 158 4.90 17.47 32.07
N SER A 159 4.68 16.46 32.90
CA SER A 159 5.28 15.14 32.71
C SER A 159 4.18 14.13 32.46
N SER A 160 3.00 14.63 32.10
CA SER A 160 1.83 13.80 31.82
C SER A 160 2.04 12.90 30.60
N GLY A 161 2.34 13.50 29.46
CA GLY A 161 2.56 12.69 28.27
C GLY A 161 1.34 12.57 27.37
N GLU A 162 0.75 13.71 27.03
CA GLU A 162 -0.42 13.78 26.14
C GLU A 162 -0.31 15.10 25.41
N GLY A 163 -1.12 15.29 24.36
CA GLY A 163 -1.07 16.56 23.64
C GLY A 163 -0.19 16.65 22.41
N LEU A 164 0.79 15.76 22.26
CA LEU A 164 1.67 15.79 21.11
C LEU A 164 1.64 14.50 20.30
N ALA A 165 0.57 13.72 20.48
CA ALA A 165 0.41 12.46 19.76
C ALA A 165 0.42 12.68 18.25
N PHE A 166 -0.28 13.73 17.81
CA PHE A 166 -0.35 14.07 16.40
C PHE A 166 0.99 14.00 15.68
N PHE A 167 2.06 14.39 16.38
CA PHE A 167 3.39 14.42 15.77
C PHE A 167 4.10 13.08 15.60
N THR A 168 3.49 12.00 16.10
CA THR A 168 4.10 10.68 15.95
C THR A 168 3.18 9.75 15.17
N PHE A 169 3.71 9.16 14.10
CA PHE A 169 2.92 8.19 13.33
C PHE A 169 3.51 6.88 13.81
N PRO A 170 2.89 6.29 14.84
CA PRO A 170 3.39 5.03 15.39
C PRO A 170 3.55 3.88 14.41
N ASN A 171 2.61 3.76 13.47
CA ASN A 171 2.65 2.66 12.51
C ASN A 171 3.58 2.85 11.34
N ILE A 172 4.49 3.81 11.49
CA ILE A 172 5.49 4.06 10.46
C ILE A 172 6.85 4.08 11.17
N ALA A 173 7.69 3.10 10.87
CA ALA A 173 9.02 3.02 11.47
C ALA A 173 10.00 3.92 10.75
N SER A 174 10.08 3.75 9.43
CA SER A 174 10.98 4.53 8.58
C SER A 174 10.21 5.56 7.74
N ALA A 175 10.28 6.83 8.16
CA ALA A 175 9.61 7.90 7.44
C ALA A 175 10.15 7.91 6.01
N THR A 176 11.46 7.79 5.90
CA THR A 176 12.16 7.77 4.63
C THR A 176 11.65 6.65 3.72
N LYS A 177 11.56 5.45 4.27
CA LYS A 177 11.08 4.31 3.50
C LYS A 177 9.63 4.53 3.08
N PHE A 178 8.79 4.99 4.01
CA PHE A 178 7.38 5.21 3.68
C PHE A 178 7.18 6.25 2.58
N LYS A 179 7.86 7.39 2.69
CA LYS A 179 7.74 8.44 1.68
C LYS A 179 8.07 7.89 0.29
N GLN A 180 9.11 7.06 0.21
CA GLN A 180 9.55 6.47 -1.05
C GLN A 180 8.44 5.57 -1.60
N LEU A 181 7.84 4.78 -0.71
CA LEU A 181 6.77 3.87 -1.08
C LEU A 181 5.53 4.69 -1.47
N TYR A 182 5.29 5.78 -0.74
CA TYR A 182 4.14 6.64 -1.01
C TYR A 182 4.32 7.38 -2.35
N ARG A 183 5.50 7.95 -2.57
CA ARG A 183 5.74 8.66 -3.82
C ARG A 183 5.59 7.70 -5.00
N SER A 184 6.10 6.47 -4.85
CA SER A 184 6.02 5.50 -5.92
C SER A 184 4.57 5.12 -6.21
N ARG A 185 3.73 5.11 -5.19
CA ARG A 185 2.32 4.80 -5.39
C ARG A 185 1.66 5.93 -6.18
N MET A 186 2.03 7.18 -5.86
CA MET A 186 1.48 8.33 -6.57
C MET A 186 1.87 8.23 -8.04
N ASN A 187 3.10 7.79 -8.28
CA ASN A 187 3.61 7.66 -9.65
C ASN A 187 2.97 6.51 -10.41
N SER A 188 2.36 5.58 -9.68
CA SER A 188 1.70 4.43 -10.28
C SER A 188 0.30 4.85 -10.71
N LEU A 189 -0.16 5.96 -10.16
CA LEU A 189 -1.47 6.50 -10.49
C LEU A 189 -1.50 6.78 -11.97
N GLU A 190 -2.44 6.17 -12.67
CA GLU A 190 -2.54 6.39 -14.12
C GLU A 190 -3.33 7.64 -14.42
N MET A 191 -2.65 8.66 -14.93
CA MET A 191 -3.35 9.88 -15.29
C MET A 191 -2.85 10.48 -16.59
N THR A 192 -3.61 11.43 -17.11
CA THR A 192 -3.31 12.09 -18.36
C THR A 192 -2.62 13.41 -18.11
N PRO A 193 -2.13 14.07 -19.18
CA PRO A 193 -1.46 15.35 -19.03
C PRO A 193 -2.38 16.38 -18.38
N ALA A 194 -3.65 16.37 -18.81
CA ALA A 194 -4.65 17.30 -18.28
C ALA A 194 -4.92 17.08 -16.78
N VAL A 195 -5.21 15.84 -16.41
CA VAL A 195 -5.46 15.52 -15.00
C VAL A 195 -4.25 15.88 -14.14
N ARG A 196 -3.06 15.60 -14.64
CA ARG A 196 -1.81 15.89 -13.94
C ARG A 196 -1.76 17.38 -13.60
N GLN A 197 -2.24 18.21 -14.54
CA GLN A 197 -2.24 19.65 -14.32
C GLN A 197 -3.19 20.07 -13.23
N ARG A 198 -4.34 19.40 -13.11
CA ARG A 198 -5.28 19.77 -12.06
C ARG A 198 -4.81 19.28 -10.70
N VAL A 199 -4.10 18.16 -10.70
CA VAL A 199 -3.59 17.60 -9.45
C VAL A 199 -2.58 18.57 -8.86
N ILE A 200 -1.74 19.12 -9.74
CA ILE A 200 -0.72 20.07 -9.32
C ILE A 200 -1.37 21.38 -8.90
N GLU A 201 -2.33 21.84 -9.69
CA GLU A 201 -3.01 23.09 -9.31
C GLU A 201 -3.75 22.87 -7.98
N GLU A 202 -4.36 21.70 -7.83
CA GLU A 202 -5.08 21.42 -6.59
C GLU A 202 -4.11 21.43 -5.40
N ALA A 203 -2.87 20.99 -5.62
CA ALA A 203 -1.89 20.98 -4.56
C ALA A 203 -1.62 22.45 -4.17
N LYS A 204 -1.57 23.31 -5.18
CA LYS A 204 -1.34 24.72 -4.93
C LYS A 204 -2.51 25.29 -4.15
N THR A 205 -3.73 24.87 -4.48
CA THR A 205 -4.92 25.34 -3.79
C THR A 205 -4.87 24.97 -2.31
N ALA A 206 -4.38 23.77 -2.01
CA ALA A 206 -4.28 23.31 -0.63
C ALA A 206 -3.31 24.17 0.17
N PHE A 207 -2.29 24.71 -0.50
CA PHE A 207 -1.32 25.56 0.20
C PHE A 207 -1.92 26.91 0.49
N LEU A 208 -2.78 27.36 -0.39
CA LEU A 208 -3.45 28.64 -0.20
C LEU A 208 -4.38 28.51 0.99
N LEU A 209 -5.16 27.43 1.02
CA LEU A 209 -6.10 27.17 2.11
C LEU A 209 -5.38 27.09 3.45
N ASN A 210 -4.20 26.51 3.44
CA ASN A 210 -3.39 26.40 4.66
C ASN A 210 -2.85 27.77 5.01
N ILE A 211 -2.40 28.49 3.99
CA ILE A 211 -1.84 29.82 4.20
C ILE A 211 -2.90 30.76 4.75
N GLN A 212 -4.07 30.77 4.13
CA GLN A 212 -5.15 31.64 4.57
C GLN A 212 -5.57 31.23 5.98
N LEU A 213 -5.49 29.94 6.26
CA LEU A 213 -5.87 29.43 7.58
C LEU A 213 -5.01 30.13 8.64
N PHE A 214 -3.70 30.07 8.47
CA PHE A 214 -2.78 30.70 9.42
C PHE A 214 -3.01 32.21 9.45
N GLU A 215 -3.32 32.79 8.30
CA GLU A 215 -3.57 34.23 8.23
C GLU A 215 -4.76 34.58 9.11
N GLU A 216 -5.83 33.79 9.03
CA GLU A 216 -7.01 34.05 9.83
C GLU A 216 -6.77 33.81 11.33
N LEU A 217 -5.93 32.84 11.65
CA LEU A 217 -5.64 32.53 13.04
C LEU A 217 -4.77 33.64 13.63
N GLN A 218 -4.15 34.42 12.75
CA GLN A 218 -3.32 35.54 13.16
C GLN A 218 -4.22 36.75 13.43
N GLU A 219 -5.07 37.10 12.46
CA GLU A 219 -5.99 38.22 12.63
C GLU A 219 -6.99 37.88 13.73
N LEU A 220 -6.69 36.81 14.46
CA LEU A 220 -7.55 36.32 15.51
C LEU A 220 -6.82 36.44 16.84
N LEU A 221 -5.58 35.97 16.87
CA LEU A 221 -4.77 36.02 18.08
C LEU A 221 -4.10 37.38 18.30
N THR A 222 -4.57 38.40 17.57
CA THR A 222 -4.00 39.73 17.70
C THR A 222 -5.08 40.81 17.64
N HIS A 223 -6.27 40.47 18.14
CA HIS A 223 -7.40 41.40 18.16
C HIS A 223 -8.13 41.28 19.50
N PRO B 10 -9.13 -20.01 14.65
CA PRO B 10 -8.20 -21.17 14.79
C PRO B 10 -6.87 -20.76 15.41
N GLN B 11 -6.11 -21.74 15.88
CA GLN B 11 -4.81 -21.50 16.52
C GLN B 11 -3.68 -21.14 15.57
N ASP B 12 -3.34 -22.12 14.73
CA ASP B 12 -2.28 -21.99 13.78
C ASP B 12 -2.47 -20.84 12.79
N LEU B 13 -1.39 -20.11 12.51
CA LEU B 13 -1.46 -19.03 11.54
C LEU B 13 -1.92 -19.68 10.24
N SER B 14 -1.48 -20.93 10.04
CA SER B 14 -1.84 -21.70 8.85
C SER B 14 -3.36 -21.80 8.74
N GLU B 15 -3.98 -22.14 9.86
CA GLU B 15 -5.42 -22.30 9.90
C GLU B 15 -6.15 -20.98 9.67
N ALA B 16 -5.65 -19.91 10.28
CA ALA B 16 -6.23 -18.60 10.11
C ALA B 16 -6.14 -18.16 8.64
N LEU B 17 -5.05 -18.55 7.99
CA LEU B 17 -4.81 -18.23 6.59
C LEU B 17 -5.74 -19.01 5.67
N LYS B 18 -5.80 -20.32 5.91
CA LYS B 18 -6.64 -21.21 5.13
C LYS B 18 -8.11 -20.77 5.25
N GLU B 19 -8.46 -20.20 6.42
CA GLU B 19 -9.82 -19.74 6.64
C GLU B 19 -10.09 -18.51 5.79
N ALA B 20 -9.32 -17.46 6.03
CA ALA B 20 -9.47 -16.22 5.27
C ALA B 20 -9.50 -16.55 3.78
N THR B 21 -8.72 -17.55 3.37
CA THR B 21 -8.67 -17.93 1.98
C THR B 21 -9.81 -18.87 1.58
N LYS B 22 -10.92 -18.79 2.29
CA LYS B 22 -12.08 -19.62 1.96
C LYS B 22 -12.88 -18.80 0.96
N GLU B 23 -13.23 -17.59 1.36
CA GLU B 23 -14.01 -16.70 0.50
C GLU B 23 -13.12 -16.11 -0.58
N VAL B 24 -12.10 -15.36 -0.17
CA VAL B 24 -11.16 -14.75 -1.11
C VAL B 24 -10.73 -15.77 -2.16
N HIS B 25 -11.04 -17.03 -1.91
CA HIS B 25 -10.73 -18.12 -2.82
C HIS B 25 -11.98 -18.37 -3.67
N THR B 26 -13.06 -18.76 -3.00
CA THR B 26 -14.33 -19.02 -3.68
C THR B 26 -14.71 -17.87 -4.62
N THR B 43 -8.85 -21.35 -24.70
CA THR B 43 -7.98 -20.91 -25.79
C THR B 43 -6.56 -21.45 -25.60
N ARG B 44 -5.64 -20.97 -26.42
CA ARG B 44 -4.24 -21.36 -26.36
C ARG B 44 -3.45 -20.13 -25.92
N ASP B 45 -3.74 -18.99 -26.53
CA ASP B 45 -3.09 -17.74 -26.19
C ASP B 45 -3.41 -17.39 -24.75
N GLY B 46 -4.43 -18.05 -24.21
CA GLY B 46 -4.81 -17.80 -22.84
C GLY B 46 -3.85 -18.47 -21.88
N PHE B 47 -3.41 -19.67 -22.24
CA PHE B 47 -2.47 -20.42 -21.40
C PHE B 47 -1.10 -19.74 -21.43
N LYS B 48 -0.77 -19.08 -22.53
CA LYS B 48 0.50 -18.39 -22.66
C LYS B 48 0.52 -17.10 -21.83
N LEU B 49 -0.65 -16.47 -21.70
CA LEU B 49 -0.76 -15.24 -20.92
C LEU B 49 -0.58 -15.48 -19.44
N VAL B 50 -1.10 -16.62 -18.97
CA VAL B 50 -1.02 -16.97 -17.57
C VAL B 50 0.38 -17.44 -17.20
N MET B 51 1.01 -18.18 -18.11
CA MET B 51 2.36 -18.67 -17.88
C MET B 51 3.33 -17.47 -17.83
N ALA B 52 3.12 -16.53 -18.74
CA ALA B 52 3.95 -15.33 -18.81
C ALA B 52 3.79 -14.58 -17.49
N SER B 53 2.54 -14.50 -17.04
CA SER B 53 2.20 -13.83 -15.80
C SER B 53 2.95 -14.47 -14.64
N LEU B 54 2.82 -15.79 -14.53
CA LEU B 54 3.46 -16.55 -13.46
C LEU B 54 4.98 -16.38 -13.40
N TYR B 55 5.61 -16.21 -14.56
CA TYR B 55 7.07 -16.04 -14.64
C TYR B 55 7.50 -14.74 -13.97
N HIS B 56 6.90 -13.65 -14.39
CA HIS B 56 7.19 -12.33 -13.84
C HIS B 56 6.94 -12.28 -12.34
N ILE B 57 5.87 -12.92 -11.90
CA ILE B 57 5.52 -12.96 -10.49
C ILE B 57 6.53 -13.79 -9.67
N TYR B 58 6.92 -14.93 -10.20
CA TYR B 58 7.87 -15.77 -9.49
C TYR B 58 9.30 -15.22 -9.51
N VAL B 59 9.62 -14.39 -10.51
CA VAL B 59 10.95 -13.78 -10.59
C VAL B 59 11.08 -12.77 -9.44
N ALA B 60 10.04 -11.97 -9.24
CA ALA B 60 10.02 -10.97 -8.18
C ALA B 60 9.92 -11.62 -6.81
N LEU B 61 9.04 -12.61 -6.68
CA LEU B 61 8.87 -13.29 -5.41
C LEU B 61 10.16 -13.98 -4.97
N GLU B 62 10.74 -14.75 -5.87
CA GLU B 62 11.95 -15.47 -5.57
C GLU B 62 13.14 -14.56 -5.32
N GLU B 63 13.12 -13.36 -5.91
CA GLU B 63 14.21 -12.43 -5.69
C GLU B 63 14.10 -11.87 -4.27
N GLU B 64 12.88 -11.50 -3.85
CA GLU B 64 12.65 -10.98 -2.51
C GLU B 64 12.90 -12.06 -1.44
N ILE B 65 12.57 -13.30 -1.79
CA ILE B 65 12.77 -14.41 -0.86
C ILE B 65 14.26 -14.56 -0.54
N GLU B 66 15.09 -14.46 -1.57
CA GLU B 66 16.53 -14.58 -1.43
C GLU B 66 17.10 -13.45 -0.58
N ARG B 67 16.53 -12.25 -0.75
CA ARG B 67 16.95 -11.06 -0.01
C ARG B 67 16.66 -11.20 1.49
N ASN B 68 15.58 -11.89 1.81
CA ASN B 68 15.17 -12.06 3.21
C ASN B 68 15.29 -13.49 3.73
N LYS B 69 16.08 -14.35 3.07
CA LYS B 69 16.17 -15.75 3.50
C LYS B 69 16.76 -16.03 4.88
N GLU B 70 17.57 -15.11 5.40
CA GLU B 70 18.17 -15.35 6.71
C GLU B 70 17.51 -14.54 7.81
N SER B 71 16.51 -13.74 7.43
CA SER B 71 15.76 -12.92 8.37
C SER B 71 14.84 -13.81 9.21
N PRO B 72 14.83 -13.61 10.53
CA PRO B 72 13.96 -14.45 11.33
C PRO B 72 12.48 -14.42 10.94
N VAL B 73 12.01 -13.35 10.29
CA VAL B 73 10.59 -13.30 9.93
C VAL B 73 10.22 -14.15 8.72
N PHE B 74 11.21 -14.75 8.07
CA PHE B 74 10.94 -15.57 6.89
C PHE B 74 11.71 -16.89 6.86
N ALA B 75 12.93 -16.88 7.40
CA ALA B 75 13.81 -18.07 7.41
C ALA B 75 13.14 -19.42 7.58
N PRO B 76 12.20 -19.55 8.53
CA PRO B 76 11.54 -20.84 8.73
C PRO B 76 10.81 -21.40 7.50
N VAL B 77 10.35 -20.56 6.57
CA VAL B 77 9.67 -21.09 5.38
C VAL B 77 10.53 -20.96 4.12
N TYR B 78 11.85 -20.90 4.31
CA TYR B 78 12.76 -20.79 3.18
C TYR B 78 13.04 -22.21 2.68
N PHE B 79 12.46 -22.56 1.52
CA PHE B 79 12.66 -23.89 0.95
C PHE B 79 13.11 -23.75 -0.51
N PRO B 80 14.34 -23.24 -0.72
CA PRO B 80 14.92 -23.02 -2.05
C PRO B 80 14.81 -24.15 -3.06
N GLU B 81 15.27 -25.35 -2.69
CA GLU B 81 15.23 -26.46 -3.63
C GLU B 81 13.85 -27.04 -3.93
N GLU B 82 13.06 -27.22 -2.89
CA GLU B 82 11.73 -27.80 -3.05
C GLU B 82 10.74 -26.95 -3.82
N LEU B 83 10.87 -25.63 -3.68
CA LEU B 83 9.92 -24.73 -4.30
C LEU B 83 10.25 -23.81 -5.46
N HIS B 84 11.53 -23.51 -5.72
CA HIS B 84 11.77 -22.58 -6.81
C HIS B 84 11.02 -23.01 -8.06
N ARG B 85 10.51 -22.01 -8.77
CA ARG B 85 9.72 -22.23 -9.96
C ARG B 85 10.22 -21.42 -11.16
N LYS B 86 11.11 -20.46 -10.92
CA LYS B 86 11.63 -19.64 -12.01
C LYS B 86 12.18 -20.44 -13.19
N ALA B 87 12.98 -21.47 -12.90
CA ALA B 87 13.57 -22.32 -13.93
C ALA B 87 12.59 -23.21 -14.72
N ALA B 88 11.53 -23.68 -14.09
CA ALA B 88 10.57 -24.53 -14.78
C ALA B 88 9.75 -23.65 -15.73
N LEU B 89 9.53 -22.41 -15.32
CA LEU B 89 8.77 -21.44 -16.09
C LEU B 89 9.57 -20.98 -17.30
N GLU B 90 10.89 -20.99 -17.18
CA GLU B 90 11.73 -20.58 -18.28
C GLU B 90 11.70 -21.68 -19.34
N GLN B 91 11.81 -22.93 -18.90
CA GLN B 91 11.77 -24.06 -19.81
C GLN B 91 10.42 -24.01 -20.54
N ASP B 92 9.35 -23.92 -19.79
CA ASP B 92 8.00 -23.85 -20.35
C ASP B 92 7.80 -22.65 -21.28
N LEU B 93 8.23 -21.48 -20.83
CA LEU B 93 8.07 -20.28 -21.64
C LEU B 93 8.90 -20.27 -22.92
N ALA B 94 9.88 -21.16 -23.01
CA ALA B 94 10.70 -21.25 -24.21
C ALA B 94 9.97 -22.16 -25.20
N PHE B 95 9.03 -22.94 -24.69
CA PHE B 95 8.25 -23.85 -25.51
C PHE B 95 7.02 -23.14 -26.07
N TRP B 96 6.41 -22.27 -25.28
CA TRP B 96 5.21 -21.57 -25.70
C TRP B 96 5.45 -20.34 -26.57
N TYR B 97 6.52 -19.61 -26.32
CA TYR B 97 6.84 -18.39 -27.06
C TYR B 97 8.04 -18.49 -28.01
N GLY B 98 8.80 -19.58 -27.93
CA GLY B 98 9.94 -19.71 -28.82
C GLY B 98 11.25 -19.28 -28.20
N PRO B 99 12.38 -19.63 -28.84
CA PRO B 99 13.70 -19.27 -28.30
C PRO B 99 13.86 -17.80 -27.93
N ARG B 100 13.09 -16.92 -28.59
CA ARG B 100 13.20 -15.50 -28.28
C ARG B 100 12.06 -15.01 -27.38
N TRP B 101 11.64 -15.87 -26.45
CA TRP B 101 10.56 -15.58 -25.51
C TRP B 101 10.80 -14.39 -24.58
N GLN B 102 12.02 -14.28 -24.05
CA GLN B 102 12.35 -13.21 -23.11
C GLN B 102 12.04 -11.81 -23.62
N GLU B 103 12.01 -11.64 -24.93
CA GLU B 103 11.74 -10.33 -25.50
C GLU B 103 10.37 -10.23 -26.15
N VAL B 104 9.71 -11.36 -26.39
CA VAL B 104 8.39 -11.37 -27.02
C VAL B 104 7.24 -11.41 -26.01
N ILE B 105 7.41 -12.16 -24.92
CA ILE B 105 6.35 -12.28 -23.90
C ILE B 105 5.85 -10.92 -23.44
N PRO B 106 4.59 -10.85 -23.01
CA PRO B 106 3.97 -9.60 -22.54
C PRO B 106 4.17 -9.35 -21.04
N TYR B 107 4.07 -8.08 -20.66
CA TYR B 107 4.20 -7.65 -19.29
C TYR B 107 3.19 -6.52 -19.19
N THR B 108 2.07 -6.79 -18.55
CA THR B 108 0.99 -5.83 -18.47
C THR B 108 0.91 -5.07 -17.15
N PRO B 109 0.05 -4.04 -17.08
CA PRO B 109 -0.10 -3.23 -15.86
C PRO B 109 -0.48 -4.06 -14.65
N ALA B 110 -1.31 -5.08 -14.84
CA ALA B 110 -1.73 -5.95 -13.73
C ALA B 110 -0.58 -6.82 -13.23
N MET B 111 0.22 -7.33 -14.17
CA MET B 111 1.35 -8.15 -13.79
C MET B 111 2.30 -7.23 -13.02
N GLN B 112 2.43 -6.00 -13.51
CA GLN B 112 3.32 -5.03 -12.89
C GLN B 112 2.94 -4.69 -11.46
N ARG B 113 1.65 -4.57 -11.20
CA ARG B 113 1.22 -4.23 -9.84
C ARG B 113 1.58 -5.35 -8.88
N TYR B 114 1.24 -6.57 -9.25
CA TYR B 114 1.54 -7.73 -8.43
C TYR B 114 3.05 -7.70 -8.09
N VAL B 115 3.87 -7.59 -9.13
CA VAL B 115 5.33 -7.55 -9.02
C VAL B 115 5.77 -6.46 -8.05
N LYS B 116 5.15 -5.29 -8.18
CA LYS B 116 5.49 -4.18 -7.32
C LYS B 116 5.12 -4.41 -5.87
N ARG B 117 3.96 -5.01 -5.63
CA ARG B 117 3.55 -5.27 -4.26
C ARG B 117 4.60 -6.21 -3.66
N LEU B 118 4.98 -7.22 -4.43
CA LEU B 118 5.96 -8.19 -4.01
C LEU B 118 7.27 -7.48 -3.59
N HIS B 119 7.71 -6.51 -4.40
CA HIS B 119 8.93 -5.78 -4.11
C HIS B 119 8.85 -4.86 -2.89
N GLU B 120 7.68 -4.25 -2.68
CA GLU B 120 7.44 -3.35 -1.54
C GLU B 120 7.43 -4.17 -0.26
N VAL B 121 6.77 -5.31 -0.29
CA VAL B 121 6.72 -6.16 0.89
C VAL B 121 8.12 -6.67 1.23
N GLY B 122 8.82 -7.17 0.23
CA GLY B 122 10.17 -7.68 0.43
C GLY B 122 11.12 -6.62 0.96
N ARG B 123 10.94 -5.39 0.50
CA ARG B 123 11.82 -4.33 0.94
C ARG B 123 11.39 -3.59 2.21
N THR B 124 10.08 -3.39 2.39
CA THR B 124 9.61 -2.65 3.54
C THR B 124 8.89 -3.41 4.66
N GLU B 125 8.20 -4.50 4.32
CA GLU B 125 7.48 -5.28 5.33
C GLU B 125 7.75 -6.76 5.17
N PRO B 126 9.04 -7.16 5.21
CA PRO B 126 9.42 -8.57 5.05
C PRO B 126 8.62 -9.57 5.88
N GLU B 127 7.99 -9.11 6.95
CA GLU B 127 7.18 -9.97 7.83
C GLU B 127 5.95 -10.52 7.11
N LEU B 128 5.54 -9.84 6.04
CA LEU B 128 4.36 -10.21 5.27
C LEU B 128 4.72 -11.08 4.07
N LEU B 129 6.01 -11.26 3.84
CA LEU B 129 6.44 -12.05 2.69
C LEU B 129 5.87 -13.46 2.76
N VAL B 130 5.74 -13.99 3.97
CA VAL B 130 5.20 -15.31 4.15
C VAL B 130 3.78 -15.40 3.55
N ALA B 131 3.03 -14.30 3.60
CA ALA B 131 1.66 -14.24 3.06
C ALA B 131 1.66 -14.53 1.57
N HIS B 132 2.57 -13.92 0.83
CA HIS B 132 2.67 -14.15 -0.59
C HIS B 132 3.28 -15.49 -0.94
N ALA B 133 4.26 -15.91 -0.15
CA ALA B 133 4.90 -17.20 -0.38
C ALA B 133 3.85 -18.30 -0.26
N TYR B 134 3.03 -18.20 0.78
CA TYR B 134 1.97 -19.15 1.06
C TYR B 134 0.97 -19.18 -0.09
N THR B 135 0.44 -18.01 -0.43
CA THR B 135 -0.54 -17.88 -1.50
C THR B 135 -0.06 -18.53 -2.79
N ARG B 136 1.15 -18.17 -3.22
CA ARG B 136 1.70 -18.73 -4.45
C ARG B 136 2.04 -20.23 -4.37
N TYR B 137 3.01 -20.58 -3.51
CA TYR B 137 3.44 -21.97 -3.38
C TYR B 137 2.39 -22.99 -2.97
N LEU B 138 1.68 -22.73 -1.87
CA LEU B 138 0.66 -23.67 -1.43
C LEU B 138 -0.52 -23.70 -2.40
N GLY B 139 -0.87 -22.54 -2.94
CA GLY B 139 -1.94 -22.49 -3.90
C GLY B 139 -1.59 -23.35 -5.10
N ASP B 140 -0.47 -23.02 -5.75
CA ASP B 140 0.04 -23.72 -6.92
C ASP B 140 0.34 -25.20 -6.68
N LEU B 141 0.72 -25.53 -5.45
CA LEU B 141 1.05 -26.92 -5.09
C LEU B 141 -0.22 -27.75 -5.02
N SER B 142 -1.21 -27.23 -4.32
CA SER B 142 -2.48 -27.91 -4.12
C SER B 142 -3.38 -27.91 -5.36
N GLY B 143 -3.56 -26.73 -5.97
CA GLY B 143 -4.40 -26.64 -7.15
C GLY B 143 -3.74 -27.24 -8.37
N GLY B 144 -2.50 -26.84 -8.63
CA GLY B 144 -1.77 -27.33 -9.80
C GLY B 144 -2.03 -28.79 -10.14
N GLN B 145 -2.11 -29.63 -9.11
CA GLN B 145 -2.34 -31.05 -9.28
C GLN B 145 -3.54 -31.36 -10.19
N VAL B 146 -4.54 -30.49 -10.15
CA VAL B 146 -5.73 -30.64 -10.97
C VAL B 146 -5.74 -29.61 -12.11
N LEU B 147 -5.31 -28.40 -11.78
CA LEU B 147 -5.26 -27.30 -12.75
C LEU B 147 -4.50 -27.68 -14.02
N LYS B 148 -3.60 -28.65 -13.90
CA LYS B 148 -2.80 -29.13 -15.01
C LYS B 148 -3.65 -30.11 -15.83
N LYS B 149 -4.45 -30.90 -15.12
CA LYS B 149 -5.31 -31.89 -15.75
C LYS B 149 -6.16 -31.33 -16.88
N ILE B 150 -7.07 -30.43 -16.52
CA ILE B 150 -7.97 -29.82 -17.50
C ILE B 150 -7.27 -28.91 -18.49
N ALA B 151 -6.15 -28.32 -18.06
CA ALA B 151 -5.39 -27.43 -18.92
C ALA B 151 -4.85 -28.17 -20.14
N GLN B 152 -4.17 -29.30 -19.92
CA GLN B 152 -3.60 -30.07 -21.01
C GLN B 152 -4.61 -30.53 -22.06
N LYS B 153 -5.61 -31.31 -21.65
CA LYS B 153 -6.62 -31.80 -22.57
C LYS B 153 -7.28 -30.68 -23.35
N ALA B 154 -7.41 -29.51 -22.74
CA ALA B 154 -8.03 -28.35 -23.40
C ALA B 154 -7.11 -27.76 -24.45
N LEU B 155 -5.80 -27.92 -24.25
CA LEU B 155 -4.79 -27.40 -25.17
C LEU B 155 -4.47 -28.40 -26.27
N ASP B 156 -4.38 -29.67 -25.91
CA ASP B 156 -4.07 -30.72 -26.88
C ASP B 156 -2.72 -30.40 -27.50
N LEU B 157 -1.67 -30.36 -26.67
CA LEU B 157 -0.33 -30.08 -27.17
C LEU B 157 0.32 -31.38 -27.61
N PRO B 158 1.33 -31.29 -28.50
CA PRO B 158 2.04 -32.48 -29.02
C PRO B 158 2.73 -33.34 -27.97
N SER B 159 3.70 -34.12 -28.41
CA SER B 159 4.46 -35.00 -27.55
C SER B 159 5.88 -34.44 -27.46
N SER B 160 5.96 -33.11 -27.39
CA SER B 160 7.24 -32.42 -27.31
C SER B 160 7.99 -32.82 -26.05
N GLY B 161 7.25 -33.01 -24.96
CA GLY B 161 7.89 -33.39 -23.71
C GLY B 161 8.28 -32.18 -22.89
N GLU B 162 7.59 -31.06 -23.12
CA GLU B 162 7.85 -29.82 -22.39
C GLU B 162 6.69 -28.84 -22.48
N GLY B 163 6.72 -27.79 -21.66
CA GLY B 163 5.66 -26.81 -21.67
C GLY B 163 4.88 -26.78 -20.37
N LEU B 164 4.89 -27.89 -19.64
CA LEU B 164 4.16 -27.98 -18.38
C LEU B 164 5.06 -28.38 -17.20
N ALA B 165 6.33 -27.97 -17.26
CA ALA B 165 7.28 -28.26 -16.19
C ALA B 165 6.81 -27.62 -14.89
N PHE B 166 6.28 -26.42 -15.02
CA PHE B 166 5.80 -25.64 -13.89
C PHE B 166 4.89 -26.42 -12.93
N PHE B 167 4.09 -27.33 -13.48
CA PHE B 167 3.16 -28.10 -12.67
C PHE B 167 3.73 -29.27 -11.87
N THR B 168 5.01 -29.54 -12.07
CA THR B 168 5.65 -30.62 -11.33
C THR B 168 6.75 -30.06 -10.44
N PHE B 169 6.62 -30.24 -9.13
CA PHE B 169 7.67 -29.81 -8.23
C PHE B 169 8.43 -31.12 -8.07
N PRO B 170 9.48 -31.33 -8.88
CA PRO B 170 10.26 -32.57 -8.82
C PRO B 170 10.93 -32.90 -7.49
N ASN B 171 11.30 -31.88 -6.73
CA ASN B 171 11.98 -32.08 -5.46
C ASN B 171 11.04 -32.25 -4.28
N ILE B 172 9.78 -32.54 -4.60
CA ILE B 172 8.76 -32.80 -3.60
C ILE B 172 8.05 -34.09 -4.04
N ALA B 173 8.14 -35.12 -3.20
CA ALA B 173 7.51 -36.42 -3.47
C ALA B 173 6.09 -36.47 -2.91
N SER B 174 5.94 -36.07 -1.66
CA SER B 174 4.65 -36.08 -0.98
C SER B 174 4.17 -34.64 -0.75
N ALA B 175 3.30 -34.15 -1.62
CA ALA B 175 2.79 -32.79 -1.47
C ALA B 175 2.19 -32.65 -0.09
N THR B 176 1.59 -33.75 0.36
CA THR B 176 0.93 -33.83 1.67
C THR B 176 1.87 -33.60 2.83
N LYS B 177 2.97 -34.35 2.88
CA LYS B 177 3.94 -34.20 3.94
C LYS B 177 4.58 -32.82 3.90
N PHE B 178 4.86 -32.32 2.69
CA PHE B 178 5.49 -31.02 2.58
C PHE B 178 4.58 -29.89 3.06
N LYS B 179 3.34 -29.89 2.60
CA LYS B 179 2.40 -28.86 3.05
C LYS B 179 2.30 -28.85 4.57
N GLN B 180 2.29 -30.04 5.16
CA GLN B 180 2.21 -30.18 6.61
C GLN B 180 3.46 -29.66 7.30
N LEU B 181 4.61 -29.88 6.68
CA LEU B 181 5.88 -29.42 7.24
C LEU B 181 5.92 -27.90 7.03
N TYR B 182 5.37 -27.44 5.91
CA TYR B 182 5.33 -26.02 5.59
C TYR B 182 4.38 -25.27 6.53
N ARG B 183 3.21 -25.85 6.83
CA ARG B 183 2.29 -25.19 7.73
C ARG B 183 2.88 -25.06 9.14
N SER B 184 3.57 -26.10 9.60
CA SER B 184 4.15 -26.09 10.93
C SER B 184 5.26 -25.02 10.98
N ARG B 185 5.99 -24.85 9.89
CA ARG B 185 7.04 -23.84 9.88
C ARG B 185 6.37 -22.48 10.00
N MET B 186 5.23 -22.31 9.34
CA MET B 186 4.52 -21.02 9.42
C MET B 186 4.07 -20.80 10.86
N ASN B 187 3.64 -21.87 11.52
CA ASN B 187 3.17 -21.79 12.90
C ASN B 187 4.29 -21.58 13.91
N SER B 188 5.54 -21.78 13.47
CA SER B 188 6.70 -21.62 14.33
C SER B 188 7.16 -20.17 14.22
N LEU B 189 6.61 -19.47 13.23
CA LEU B 189 6.93 -18.08 13.00
C LEU B 189 6.41 -17.29 14.19
N GLU B 190 7.33 -16.59 14.85
CA GLU B 190 7.00 -15.80 16.02
C GLU B 190 6.31 -14.50 15.61
N MET B 191 5.08 -14.28 16.06
CA MET B 191 4.41 -13.04 15.74
C MET B 191 3.37 -12.62 16.76
N THR B 192 3.10 -11.32 16.76
CA THR B 192 2.15 -10.72 17.67
C THR B 192 0.77 -10.71 17.06
N PRO B 193 -0.27 -10.40 17.86
CA PRO B 193 -1.63 -10.37 17.32
C PRO B 193 -1.82 -9.36 16.19
N ALA B 194 -1.12 -8.23 16.27
CA ALA B 194 -1.22 -7.19 15.24
C ALA B 194 -0.46 -7.58 13.96
N VAL B 195 0.69 -8.23 14.13
CA VAL B 195 1.46 -8.66 12.97
C VAL B 195 0.70 -9.77 12.24
N ARG B 196 0.02 -10.62 13.01
CA ARG B 196 -0.75 -11.72 12.45
C ARG B 196 -1.96 -11.25 11.65
N GLN B 197 -2.57 -10.14 12.06
CA GLN B 197 -3.71 -9.61 11.33
C GLN B 197 -3.24 -9.09 9.98
N ARG B 198 -2.06 -8.46 9.94
CA ARG B 198 -1.53 -7.95 8.69
C ARG B 198 -1.15 -9.08 7.75
N VAL B 199 -0.70 -10.19 8.31
CA VAL B 199 -0.30 -11.32 7.48
C VAL B 199 -1.53 -11.87 6.77
N ILE B 200 -2.64 -11.95 7.52
CA ILE B 200 -3.88 -12.44 6.97
C ILE B 200 -4.40 -11.46 5.92
N GLU B 201 -4.40 -10.17 6.26
CA GLU B 201 -4.85 -9.17 5.29
C GLU B 201 -3.97 -9.26 4.04
N GLU B 202 -2.65 -9.35 4.23
CA GLU B 202 -1.76 -9.45 3.09
C GLU B 202 -2.15 -10.65 2.23
N ALA B 203 -2.56 -11.73 2.86
CA ALA B 203 -2.97 -12.91 2.12
C ALA B 203 -4.17 -12.49 1.24
N LYS B 204 -5.05 -11.65 1.80
CA LYS B 204 -6.20 -11.18 1.07
C LYS B 204 -5.77 -10.31 -0.11
N THR B 205 -4.81 -9.43 0.13
CA THR B 205 -4.31 -8.54 -0.91
C THR B 205 -3.73 -9.38 -2.04
N ALA B 206 -3.11 -10.51 -1.70
CA ALA B 206 -2.52 -11.38 -2.71
C ALA B 206 -3.60 -11.94 -3.63
N PHE B 207 -4.73 -12.33 -3.03
CA PHE B 207 -5.82 -12.91 -3.79
C PHE B 207 -6.44 -11.87 -4.70
N LEU B 208 -6.43 -10.62 -4.24
CA LEU B 208 -6.98 -9.54 -5.03
C LEU B 208 -6.11 -9.30 -6.27
N LEU B 209 -4.80 -9.21 -6.07
CA LEU B 209 -3.87 -8.99 -7.17
C LEU B 209 -4.00 -10.08 -8.23
N ASN B 210 -4.27 -11.31 -7.79
CA ASN B 210 -4.42 -12.43 -8.70
C ASN B 210 -5.76 -12.30 -9.38
N ILE B 211 -6.77 -11.91 -8.61
CA ILE B 211 -8.11 -11.73 -9.15
C ILE B 211 -8.11 -10.65 -10.24
N GLN B 212 -7.49 -9.51 -9.94
CA GLN B 212 -7.41 -8.42 -10.90
C GLN B 212 -6.57 -8.79 -12.12
N LEU B 213 -5.52 -9.58 -11.90
CA LEU B 213 -4.65 -10.00 -13.00
C LEU B 213 -5.48 -10.80 -13.99
N PHE B 214 -6.18 -11.81 -13.49
CA PHE B 214 -7.00 -12.65 -14.34
C PHE B 214 -8.10 -11.83 -15.01
N GLU B 215 -8.70 -10.90 -14.26
CA GLU B 215 -9.73 -10.05 -14.84
C GLU B 215 -9.13 -9.25 -15.99
N GLU B 216 -7.90 -8.75 -15.82
CA GLU B 216 -7.26 -7.97 -16.87
C GLU B 216 -6.88 -8.82 -18.09
N LEU B 217 -6.45 -10.05 -17.86
CA LEU B 217 -6.07 -10.93 -18.96
C LEU B 217 -7.34 -11.28 -19.72
N GLN B 218 -8.47 -11.09 -19.04
CA GLN B 218 -9.78 -11.37 -19.59
C GLN B 218 -10.09 -10.40 -20.73
N GLU B 219 -10.01 -9.10 -20.43
CA GLU B 219 -10.28 -8.08 -21.43
C GLU B 219 -9.34 -8.19 -22.61
N LEU B 220 -8.16 -8.76 -22.36
CA LEU B 220 -7.17 -8.94 -23.41
C LEU B 220 -7.59 -10.08 -24.34
N LEU B 221 -7.61 -11.29 -23.82
CA LEU B 221 -7.98 -12.46 -24.61
C LEU B 221 -9.32 -12.29 -25.33
N THR B 222 -10.17 -11.42 -24.80
CA THR B 222 -11.49 -11.19 -25.39
C THR B 222 -11.79 -9.74 -25.70
N HIS B 223 -11.15 -9.20 -26.74
CA HIS B 223 -11.38 -7.81 -27.14
C HIS B 223 -11.66 -7.72 -28.64
#